data_4ZFW
#
_entry.id   4ZFW
#
_cell.length_a   142.300
_cell.length_b   137.070
_cell.length_c   44.840
_cell.angle_alpha   90.00
_cell.angle_beta   90.00
_cell.angle_gamma   90.00
#
_symmetry.space_group_name_H-M   'P 21 21 2'
#
loop_
_entity.id
_entity.type
_entity.pdbx_description
1 polymer 'rRNA N-glycosidase'
2 polymer 'rRNA N-glycosidase'
3 branched 2-acetamido-2-deoxy-beta-D-glucopyranose-(1-4)-2-acetamido-2-deoxy-beta-D-glucopyranose
4 branched beta-D-xylopyranose-(1-2)-beta-D-mannopyranose-(1-4)-2-acetamido-2-deoxy-beta-D-glucopyranose-(1-4)-[alpha-L-fucopyranose-(1-3)]2-acetamido-2-deoxy-beta-D-glucopyranose
5 non-polymer GLYCEROL
6 non-polymer 2-acetamido-2-deoxy-beta-D-glucopyranose
7 non-polymer alpha-D-galactopyranose
8 non-polymer beta-D-galactopyranose
9 water water
#
loop_
_entity_poly.entity_id
_entity_poly.type
_entity_poly.pdbx_seq_one_letter_code
_entity_poly.pdbx_strand_id
1 'polypeptide(L)'
;NLSLSQSNFSADTYKSFIKNLRKQLTIGASYGSAGIPILKHSVPICERFLLVDLTNGDNETITLAINVEDAGFAAYRAAD
RSYFFQNAPPIASYVIFTDTNQNIMNFNNTFESIEIVGGTTRSETPLGIMHFEASIFHLFVHDENYVPTSFLVLIQMVLE
AAKFKFIEQKVIHSIMDMEDFTPGLAMLSLEENWTQLSLQLQASESLNGVFGDSVSLYNSMDEPIGVDSMYYPILTANMA
FQLYQCP
;
A
2 'polypeptide(L)'
;NEQCSPQQRTTRISGRDGLCVDVYGALTADGSRVILYPCGQQQNQQWTFYPDNTIRSLGKCLATSALSSGSNVVITNCDY
LRYDDGWMVSSSGTMMNKSSHLVLTANAATSRTNLTGENNVFAAKQAWRIGNYVEPIVTTIIGLRHMCLEATDNDTNVWL
ESCVKNKTKQYWALYSDDTIRVNNNRNLCVSSSTDSSSKLIVIRRCDGSINQRWVFTPQGTISNPGYEAVMDVAQNDVYL
KKIVLSSATDKGNGQQWTVFY
;
B
#
# COMPACT_ATOMS: atom_id res chain seq x y z
N ASN A 1 8.20 -6.67 27.46
CA ASN A 1 8.16 -7.09 26.04
C ASN A 1 6.73 -7.03 25.53
N LEU A 2 6.60 -6.59 24.29
CA LEU A 2 5.32 -6.60 23.59
C LEU A 2 4.81 -8.06 23.53
N SER A 3 3.49 -8.27 23.65
CA SER A 3 2.90 -9.60 23.90
C SER A 3 1.62 -9.89 23.21
N LEU A 4 1.52 -11.11 22.70
CA LEU A 4 0.25 -11.64 22.22
C LEU A 4 0.01 -13.05 22.79
N SER A 5 -1.10 -13.23 23.48
CA SER A 5 -1.45 -14.48 24.14
C SER A 5 -2.59 -15.18 23.40
N GLN A 6 -2.60 -16.51 23.48
CA GLN A 6 -3.66 -17.32 22.89
C GLN A 6 -4.99 -17.08 23.60
N SER A 7 -4.89 -16.96 24.92
CA SER A 7 -6.01 -16.75 25.81
C SER A 7 -6.73 -15.42 25.63
N ASN A 8 -6.14 -14.50 24.88
CA ASN A 8 -6.74 -13.20 24.63
C ASN A 8 -6.42 -12.80 23.19
N PHE A 9 -6.95 -13.58 22.24
CA PHE A 9 -6.63 -13.40 20.84
C PHE A 9 -7.88 -12.99 20.06
N SER A 10 -8.34 -11.77 20.30
CA SER A 10 -9.44 -11.28 19.49
C SER A 10 -8.86 -10.52 18.28
N ALA A 11 -9.74 -10.15 17.37
CA ALA A 11 -9.38 -9.28 16.24
C ALA A 11 -8.83 -7.92 16.70
N ASP A 12 -9.41 -7.35 17.77
CA ASP A 12 -8.97 -6.06 18.31
C ASP A 12 -7.61 -6.15 18.95
N THR A 13 -7.43 -7.17 19.75
CA THR A 13 -6.16 -7.42 20.42
C THR A 13 -5.01 -7.71 19.46
N TYR A 14 -5.28 -8.58 18.49
CA TYR A 14 -4.34 -8.86 17.45
C TYR A 14 -3.96 -7.58 16.74
N LYS A 15 -4.96 -6.81 16.37
CA LYS A 15 -4.78 -5.51 15.71
C LYS A 15 -3.91 -4.52 16.51
N SER A 16 -4.14 -4.41 17.81
CA SER A 16 -3.26 -3.59 18.66
C SER A 16 -1.85 -4.09 18.69
N PHE A 17 -1.74 -5.42 18.70
CA PHE A 17 -0.44 -6.03 18.74
C PHE A 17 0.36 -5.62 17.48
N ILE A 18 -0.26 -5.78 16.32
CA ILE A 18 0.39 -5.51 15.05
C ILE A 18 0.70 -4.02 14.94
N LYS A 19 -0.24 -3.19 15.35
CA LYS A 19 -0.06 -1.78 15.44
C LYS A 19 1.12 -1.40 16.32
N ASN A 20 1.17 -1.93 17.53
CA ASN A 20 2.29 -1.60 18.42
C ASN A 20 3.62 -2.13 17.91
N LEU A 21 3.56 -3.23 17.19
CA LEU A 21 4.77 -3.81 16.59
C LEU A 21 5.35 -2.90 15.52
N ARG A 22 4.47 -2.39 14.66
CA ARG A 22 4.87 -1.42 13.66
C ARG A 22 5.48 -0.20 14.31
N LYS A 23 4.83 0.38 15.31
CA LYS A 23 5.39 1.55 16.02
C LYS A 23 6.80 1.32 16.49
N GLN A 24 7.01 0.20 17.16
CA GLN A 24 8.31 -0.11 17.76
C GLN A 24 9.37 -0.25 16.69
N LEU A 25 9.07 -1.07 15.68
CA LEU A 25 10.00 -1.27 14.57
C LEU A 25 10.35 0.04 13.86
N THR A 26 9.40 0.97 13.77
CA THR A 26 9.58 2.24 13.05
C THR A 26 10.05 3.43 13.88
N ILE A 27 10.39 3.22 15.16
CA ILE A 27 11.12 4.23 15.91
C ILE A 27 12.40 4.58 15.16
N GLY A 28 12.63 5.87 14.94
CA GLY A 28 13.80 6.35 14.21
C GLY A 28 13.79 6.04 12.73
N ALA A 29 12.63 5.73 12.17
CA ALA A 29 12.54 5.41 10.76
C ALA A 29 12.70 6.69 9.93
N SER A 30 13.32 6.57 8.77
CA SER A 30 13.42 7.68 7.82
C SER A 30 12.21 7.64 6.89
N TYR A 31 12.02 8.73 6.16
CA TYR A 31 10.81 8.92 5.37
C TYR A 31 11.16 9.50 4.00
N GLY A 32 10.42 9.07 2.99
CA GLY A 32 10.57 9.60 1.65
C GLY A 32 9.26 10.25 1.27
N SER A 33 9.16 10.63 0.00
CA SER A 33 7.95 11.16 -0.60
C SER A 33 6.74 10.27 -0.38
N ALA A 34 6.93 8.96 -0.47
CA ALA A 34 5.83 8.01 -0.33
C ALA A 34 5.17 8.10 1.02
N GLY A 35 5.95 8.41 2.05
CA GLY A 35 5.45 8.51 3.39
C GLY A 35 5.46 7.21 4.14
N ILE A 36 5.99 6.16 3.53
CA ILE A 36 6.07 4.88 4.16
C ILE A 36 7.39 4.85 4.89
N PRO A 37 7.33 4.65 6.19
CA PRO A 37 8.55 4.63 7.04
C PRO A 37 9.57 3.58 6.61
N ILE A 38 10.85 3.93 6.62
CA ILE A 38 11.93 3.05 6.16
C ILE A 38 12.71 2.62 7.38
N LEU A 39 12.84 1.33 7.61
CA LEU A 39 13.46 0.84 8.85
C LEU A 39 14.88 1.36 8.98
N LYS A 40 15.32 1.48 10.23
CA LYS A 40 16.66 1.97 10.57
C LYS A 40 17.70 1.01 10.05
N HIS A 41 18.90 1.52 9.88
CA HIS A 41 19.96 0.73 9.28
C HIS A 41 21.33 1.00 9.92
N SER A 42 22.25 0.08 9.71
CA SER A 42 23.54 0.04 10.42
C SER A 42 23.34 0.43 11.89
N VAL A 43 22.46 -0.33 12.53
CA VAL A 43 22.12 -0.18 13.93
C VAL A 43 23.15 -1.02 14.72
N PRO A 44 23.75 -0.43 15.78
CA PRO A 44 24.65 -1.19 16.63
C PRO A 44 23.99 -2.46 17.15
N ILE A 45 24.75 -3.55 17.15
CA ILE A 45 24.22 -4.85 17.53
C ILE A 45 23.53 -4.86 18.90
N CYS A 46 24.02 -4.07 19.85
CA CYS A 46 23.32 -3.97 21.16
C CYS A 46 21.90 -3.40 21.10
N GLU A 47 21.55 -2.72 20.02
CA GLU A 47 20.25 -2.11 19.88
C GLU A 47 19.43 -2.77 18.76
N ARG A 48 19.97 -3.82 18.14
CA ARG A 48 19.41 -4.29 16.87
C ARG A 48 18.19 -5.21 17.03
N PHE A 49 17.85 -5.60 18.26
CA PHE A 49 16.82 -6.61 18.48
C PHE A 49 15.71 -6.13 19.32
N LEU A 50 14.50 -6.50 18.91
CA LEU A 50 13.27 -6.13 19.56
C LEU A 50 12.62 -7.45 19.98
N LEU A 51 12.22 -7.53 21.25
CA LEU A 51 11.74 -8.78 21.81
C LEU A 51 10.24 -8.80 21.89
N VAL A 52 9.68 -9.92 21.51
CA VAL A 52 8.27 -10.14 21.53
C VAL A 52 8.00 -11.47 22.23
N ASP A 53 6.90 -11.53 22.98
CA ASP A 53 6.49 -12.71 23.72
C ASP A 53 5.23 -13.28 23.11
N LEU A 54 5.23 -14.57 22.83
CA LEU A 54 4.00 -15.22 22.41
C LEU A 54 3.71 -16.31 23.39
N THR A 55 2.43 -16.44 23.72
CA THR A 55 2.00 -17.38 24.72
C THR A 55 0.84 -18.20 24.18
N ASN A 56 0.92 -19.52 24.39
CA ASN A 56 0.02 -20.50 23.78
C ASN A 56 -1.04 -20.99 24.78
N GLY A 57 -1.69 -22.13 24.51
CA GLY A 57 -2.87 -22.60 25.27
C GLY A 57 -2.52 -23.20 26.61
N ASP A 58 -1.38 -23.89 26.66
CA ASP A 58 -0.67 -24.10 27.92
C ASP A 58 -0.28 -22.68 28.32
N ASN A 59 -0.02 -22.35 29.56
CA ASN A 59 0.29 -20.92 29.86
C ASN A 59 1.78 -20.73 29.58
N GLU A 60 2.19 -21.05 28.36
CA GLU A 60 3.62 -21.18 27.99
C GLU A 60 4.10 -20.25 26.87
N THR A 61 5.32 -19.79 27.03
CA THR A 61 5.74 -18.56 26.40
C THR A 61 7.12 -18.69 25.80
N ILE A 62 7.22 -18.21 24.56
CA ILE A 62 8.50 -17.97 23.89
C ILE A 62 8.70 -16.48 23.67
N THR A 63 9.96 -16.10 23.64
CA THR A 63 10.35 -14.74 23.37
C THR A 63 11.16 -14.76 22.08
N LEU A 64 10.63 -14.11 21.04
CA LEU A 64 11.32 -14.04 19.77
C LEU A 64 12.09 -12.70 19.64
N ALA A 65 13.30 -12.77 19.08
CA ALA A 65 14.11 -11.57 18.79
C ALA A 65 13.99 -11.11 17.33
N ILE A 66 13.46 -9.93 17.11
CA ILE A 66 13.27 -9.41 15.76
C ILE A 66 14.37 -8.42 15.48
N ASN A 67 15.05 -8.61 14.37
CA ASN A 67 16.07 -7.68 13.89
C ASN A 67 15.35 -6.44 13.35
N VAL A 68 15.55 -5.33 14.04
CA VAL A 68 14.88 -4.08 13.70
C VAL A 68 15.28 -3.52 12.34
N GLU A 69 16.38 -4.02 11.78
CA GLU A 69 16.78 -3.61 10.42
C GLU A 69 15.96 -4.21 9.28
N ASP A 70 15.50 -5.45 9.44
CA ASP A 70 14.79 -6.16 8.36
C ASP A 70 13.49 -6.84 8.78
N ALA A 71 12.97 -6.50 9.95
CA ALA A 71 11.76 -7.15 10.47
C ALA A 71 11.72 -8.68 10.29
N GLY A 72 12.86 -9.34 10.46
CA GLY A 72 12.98 -10.82 10.48
C GLY A 72 13.34 -11.33 11.87
N PHE A 73 12.99 -12.57 12.17
CA PHE A 73 13.40 -13.21 13.40
C PHE A 73 14.85 -13.63 13.29
N ALA A 74 15.61 -13.42 14.36
CA ALA A 74 17.00 -13.85 14.49
C ALA A 74 17.17 -15.08 15.39
N ALA A 75 16.30 -15.21 16.39
CA ALA A 75 16.47 -16.16 17.45
C ALA A 75 15.29 -16.07 18.37
N TYR A 76 15.11 -17.11 19.18
CA TYR A 76 14.10 -17.10 20.23
C TYR A 76 14.52 -17.86 21.48
N ARG A 77 13.92 -17.49 22.60
CA ARG A 77 14.13 -18.18 23.89
C ARG A 77 12.88 -18.97 24.32
N ALA A 78 13.13 -20.16 24.86
CA ALA A 78 12.10 -20.95 25.55
C ALA A 78 12.69 -21.39 26.89
N ALA A 79 12.12 -20.84 27.96
CA ALA A 79 12.61 -21.09 29.33
C ALA A 79 14.13 -20.79 29.40
N ASP A 80 14.93 -21.80 29.67
CA ASP A 80 16.39 -21.71 29.83
C ASP A 80 17.16 -22.02 28.51
N ARG A 81 16.44 -22.17 27.40
CA ARG A 81 17.02 -22.58 26.13
C ARG A 81 16.80 -21.47 25.07
N SER A 82 17.73 -21.32 24.14
CA SER A 82 17.51 -20.41 23.03
C SER A 82 18.02 -20.99 21.73
N TYR A 83 17.48 -20.47 20.63
CA TYR A 83 17.76 -21.02 19.31
C TYR A 83 18.00 -19.86 18.38
N PHE A 84 19.14 -19.85 17.71
CA PHE A 84 19.51 -18.83 16.74
C PHE A 84 19.60 -19.44 15.31
N PHE A 85 19.03 -18.76 14.33
CA PHE A 85 19.27 -19.14 12.92
C PHE A 85 20.73 -18.98 12.61
N GLN A 86 21.30 -19.79 11.73
CA GLN A 86 22.73 -19.60 11.39
C GLN A 86 22.98 -18.31 10.61
N ASN A 87 21.89 -17.91 9.97
CA ASN A 87 21.68 -16.61 9.39
C ASN A 87 21.83 -15.37 10.27
N ALA A 88 21.72 -15.55 11.58
CA ALA A 88 21.66 -14.42 12.51
C ALA A 88 22.92 -13.55 12.46
N PRO A 89 22.82 -12.29 12.88
CA PRO A 89 24.07 -11.52 12.93
C PRO A 89 25.03 -12.30 13.80
N PRO A 90 26.29 -12.43 13.37
CA PRO A 90 27.12 -13.41 14.12
C PRO A 90 27.44 -13.05 15.59
N ILE A 91 27.26 -11.78 15.97
CA ILE A 91 27.49 -11.38 17.34
C ILE A 91 26.23 -11.45 18.22
N ALA A 92 25.10 -11.84 17.65
CA ALA A 92 23.84 -11.77 18.39
C ALA A 92 23.83 -12.62 19.67
N SER A 93 24.52 -13.75 19.62
CA SER A 93 24.82 -14.56 20.81
C SER A 93 25.33 -13.85 22.04
N TYR A 94 26.16 -12.84 21.85
CA TYR A 94 26.74 -12.10 22.95
C TYR A 94 25.83 -10.98 23.51
N VAL A 95 24.66 -10.84 22.93
CA VAL A 95 23.79 -9.71 23.19
C VAL A 95 22.40 -10.11 23.62
N ILE A 96 21.89 -11.21 23.11
CA ILE A 96 20.54 -11.66 23.46
C ILE A 96 20.59 -13.09 23.98
N PHE A 97 19.73 -13.37 24.94
CA PHE A 97 19.60 -14.70 25.54
C PHE A 97 20.93 -15.18 26.05
N THR A 98 21.59 -14.29 26.77
CA THR A 98 22.90 -14.52 27.32
C THR A 98 22.91 -15.71 28.28
N ASP A 99 22.16 -15.67 29.37
CA ASP A 99 22.17 -16.85 30.26
C ASP A 99 21.00 -17.78 29.94
N THR A 100 21.22 -18.50 28.84
CA THR A 100 20.39 -19.62 28.44
C THR A 100 21.38 -20.59 27.80
N ASN A 101 20.92 -21.78 27.49
CA ASN A 101 21.69 -22.73 26.70
C ASN A 101 21.41 -22.46 25.23
N GLN A 102 22.33 -21.74 24.59
CA GLN A 102 22.16 -21.29 23.20
C GLN A 102 22.38 -22.45 22.22
N ASN A 103 21.58 -22.49 21.18
CA ASN A 103 21.67 -23.51 20.12
C ASN A 103 21.56 -22.87 18.75
N ILE A 104 22.17 -23.50 17.75
CA ILE A 104 22.12 -23.00 16.37
C ILE A 104 21.22 -23.89 15.51
N MET A 105 20.14 -23.32 14.98
CA MET A 105 19.33 -24.04 13.99
C MET A 105 20.12 -24.05 12.70
N ASN A 106 20.11 -25.18 12.01
CA ASN A 106 20.96 -25.38 10.82
C ASN A 106 20.27 -24.90 9.54
N PHE A 107 19.68 -23.71 9.60
CA PHE A 107 19.07 -23.09 8.44
C PHE A 107 18.90 -21.60 8.63
N ASN A 108 18.69 -20.92 7.52
CA ASN A 108 18.50 -19.49 7.53
C ASN A 108 17.06 -19.11 7.86
N ASN A 109 16.85 -17.85 8.28
CA ASN A 109 15.52 -17.38 8.63
C ASN A 109 14.64 -17.03 7.43
N THR A 110 15.01 -17.52 6.24
CA THR A 110 14.31 -17.17 5.05
C THR A 110 13.33 -18.28 4.73
N PHE A 111 12.24 -17.90 4.09
CA PHE A 111 11.25 -18.85 3.62
C PHE A 111 11.84 -19.94 2.74
N GLU A 112 12.75 -19.57 1.85
CA GLU A 112 13.38 -20.54 0.94
C GLU A 112 14.13 -21.60 1.73
N SER A 113 14.89 -21.16 2.71
CA SER A 113 15.72 -22.05 3.48
C SER A 113 14.82 -22.90 4.38
N ILE A 114 13.86 -22.25 5.01
CA ILE A 114 12.91 -22.94 5.87
C ILE A 114 12.03 -23.94 5.09
N GLU A 115 11.65 -23.61 3.87
CA GLU A 115 10.84 -24.56 3.13
C GLU A 115 11.62 -25.77 2.65
N ILE A 116 12.89 -25.57 2.33
CA ILE A 116 13.76 -26.68 1.92
C ILE A 116 14.00 -27.67 3.06
N VAL A 117 14.35 -27.14 4.22
CA VAL A 117 14.65 -27.97 5.38
C VAL A 117 13.41 -28.69 5.90
N GLY A 118 12.27 -28.05 5.88
CA GLY A 118 11.04 -28.65 6.38
C GLY A 118 10.32 -29.48 5.34
N GLY A 119 10.67 -29.28 4.08
CA GLY A 119 10.06 -30.04 3.01
C GLY A 119 8.65 -29.63 2.70
N THR A 120 8.24 -28.48 3.22
CA THR A 120 6.86 -28.02 3.12
C THR A 120 6.83 -26.55 2.85
N THR A 121 5.86 -26.14 2.04
CA THR A 121 5.77 -24.80 1.56
C THR A 121 4.68 -24.02 2.33
N ARG A 122 4.74 -22.70 2.21
CA ARG A 122 3.69 -21.82 2.72
C ARG A 122 2.31 -22.14 2.12
N SER A 123 2.20 -22.32 0.81
CA SER A 123 0.88 -22.65 0.18
C SER A 123 0.14 -23.82 0.81
N GLU A 124 0.87 -24.76 1.39
CA GLU A 124 0.26 -25.92 2.00
C GLU A 124 0.32 -25.89 3.53
N THR A 125 0.64 -24.74 4.11
CA THR A 125 0.72 -24.60 5.56
C THR A 125 -0.37 -23.68 6.13
N PRO A 126 -1.37 -24.24 6.83
CA PRO A 126 -2.46 -23.46 7.38
C PRO A 126 -2.11 -22.41 8.38
N LEU A 127 -2.91 -21.36 8.38
CA LEU A 127 -2.69 -20.25 9.27
C LEU A 127 -4.00 -20.01 9.98
N GLY A 128 -3.89 -19.78 11.27
CA GLY A 128 -5.03 -19.51 12.12
C GLY A 128 -4.57 -19.49 13.58
N ILE A 129 -5.51 -19.21 14.46
CA ILE A 129 -5.23 -19.11 15.88
C ILE A 129 -4.63 -20.40 16.45
N MET A 130 -5.19 -21.55 16.09
CA MET A 130 -4.73 -22.79 16.71
C MET A 130 -3.43 -23.26 16.07
N HIS A 131 -3.18 -22.82 14.84
CA HIS A 131 -1.85 -22.95 14.25
C HIS A 131 -0.80 -22.02 14.88
N PHE A 132 -1.22 -20.81 15.20
CA PHE A 132 -0.41 -19.91 15.98
C PHE A 132 -0.08 -20.55 17.34
N GLU A 133 -1.12 -21.11 17.96
CA GLU A 133 -1.02 -21.71 19.29
C GLU A 133 -0.04 -22.88 19.24
N ALA A 134 -0.26 -23.77 18.29
CA ALA A 134 0.52 -25.00 18.19
C ALA A 134 1.95 -24.75 17.72
N SER A 135 2.11 -23.82 16.80
CA SER A 135 3.46 -23.40 16.41
C SER A 135 4.26 -22.97 17.60
N ILE A 136 3.67 -22.20 18.51
CA ILE A 136 4.38 -21.76 19.71
C ILE A 136 4.80 -22.97 20.52
N PHE A 137 3.84 -23.88 20.77
CA PHE A 137 4.12 -25.13 21.52
C PHE A 137 5.31 -25.84 20.92
N HIS A 138 5.24 -26.15 19.63
CA HIS A 138 6.33 -26.89 18.98
C HIS A 138 7.69 -26.22 19.17
N LEU A 139 7.70 -24.89 19.15
CA LEU A 139 8.91 -24.12 19.35
C LEU A 139 9.38 -24.16 20.79
N PHE A 140 8.43 -24.15 21.72
CA PHE A 140 8.77 -24.21 23.15
C PHE A 140 9.54 -25.49 23.47
N VAL A 141 9.04 -26.62 22.99
CA VAL A 141 9.71 -27.91 23.25
C VAL A 141 10.85 -28.18 22.26
N HIS A 142 10.84 -27.43 21.16
CA HIS A 142 11.82 -27.51 20.07
C HIS A 142 11.83 -28.88 19.44
N ASP A 143 10.64 -29.29 19.02
CA ASP A 143 10.47 -30.52 18.32
C ASP A 143 10.87 -30.24 16.90
N GLU A 144 11.98 -30.85 16.50
CA GLU A 144 12.68 -30.50 15.29
C GLU A 144 11.88 -30.70 14.01
N ASN A 145 11.02 -31.70 13.95
CA ASN A 145 10.23 -31.92 12.75
C ASN A 145 9.08 -30.95 12.56
N TYR A 146 8.74 -30.17 13.60
CA TYR A 146 7.73 -29.12 13.46
C TYR A 146 8.30 -27.71 13.45
N VAL A 147 9.56 -27.53 13.84
CA VAL A 147 10.16 -26.21 13.92
C VAL A 147 10.07 -25.36 12.63
N PRO A 148 10.29 -25.95 11.44
CA PRO A 148 10.18 -25.16 10.22
C PRO A 148 8.80 -24.60 9.92
N THR A 149 7.78 -25.45 9.90
CA THR A 149 6.40 -25.01 9.66
C THR A 149 5.92 -24.04 10.78
N SER A 150 6.44 -24.24 11.97
CA SER A 150 6.13 -23.35 13.09
C SER A 150 6.61 -21.94 12.73
N PHE A 151 7.79 -21.86 12.13
CA PHE A 151 8.32 -20.60 11.69
C PHE A 151 7.55 -20.05 10.51
N LEU A 152 7.18 -20.88 9.54
CA LEU A 152 6.34 -20.41 8.47
C LEU A 152 5.11 -19.73 9.02
N VAL A 153 4.47 -20.38 9.98
CA VAL A 153 3.27 -19.85 10.60
C VAL A 153 3.47 -18.52 11.31
N LEU A 154 4.39 -18.52 12.26
CA LEU A 154 4.63 -17.36 13.12
C LEU A 154 5.20 -16.16 12.38
N ILE A 155 6.09 -16.41 11.43
CA ILE A 155 6.70 -15.35 10.67
C ILE A 155 5.60 -14.64 9.91
N GLN A 156 4.75 -15.42 9.28
CA GLN A 156 3.70 -14.83 8.48
C GLN A 156 2.64 -14.14 9.37
N MET A 157 2.28 -14.77 10.47
CA MET A 157 1.23 -14.25 11.32
C MET A 157 1.65 -13.05 12.17
N VAL A 158 2.95 -12.88 12.37
CA VAL A 158 3.47 -11.75 13.12
C VAL A 158 4.21 -10.78 12.23
N LEU A 159 5.31 -11.20 11.61
CA LEU A 159 6.19 -10.28 10.89
C LEU A 159 5.62 -9.83 9.56
N GLU A 160 5.09 -10.75 8.77
CA GLU A 160 4.59 -10.38 7.43
C GLU A 160 3.29 -9.58 7.51
N ALA A 161 2.50 -9.82 8.55
CA ALA A 161 1.32 -9.01 8.82
C ALA A 161 1.72 -7.60 9.26
N ALA A 162 2.75 -7.50 10.10
CA ALA A 162 3.34 -6.18 10.39
C ALA A 162 3.74 -5.45 9.09
N LYS A 163 4.35 -6.17 8.15
CA LYS A 163 4.77 -5.57 6.89
C LYS A 163 3.63 -5.09 6.00
N PHE A 164 2.51 -5.79 6.01
CA PHE A 164 1.44 -5.59 5.04
C PHE A 164 0.02 -5.66 5.64
N LYS A 165 -0.74 -4.58 5.55
CA LYS A 165 -2.10 -4.52 6.08
C LYS A 165 -3.01 -5.60 5.49
N PHE A 166 -2.81 -5.90 4.21
CA PHE A 166 -3.49 -6.97 3.54
C PHE A 166 -3.38 -8.27 4.32
N ILE A 167 -2.15 -8.59 4.71
CA ILE A 167 -1.85 -9.79 5.42
C ILE A 167 -2.43 -9.70 6.83
N GLU A 168 -2.24 -8.58 7.50
CA GLU A 168 -2.93 -8.34 8.77
C GLU A 168 -4.41 -8.70 8.68
N GLN A 169 -5.01 -8.29 7.59
CA GLN A 169 -6.44 -8.42 7.38
C GLN A 169 -6.92 -9.84 7.08
N LYS A 170 -6.08 -10.61 6.39
CA LYS A 170 -6.30 -12.06 6.25
C LYS A 170 -6.32 -12.73 7.63
N VAL A 171 -5.42 -12.33 8.53
CA VAL A 171 -5.43 -12.91 9.86
C VAL A 171 -6.68 -12.46 10.66
N ILE A 172 -7.13 -11.23 10.43
CA ILE A 172 -8.34 -10.75 11.07
C ILE A 172 -9.54 -11.52 10.54
N HIS A 173 -9.64 -11.63 9.22
CA HIS A 173 -10.72 -12.38 8.62
C HIS A 173 -10.74 -13.81 9.11
N SER A 174 -9.56 -14.40 9.27
CA SER A 174 -9.46 -15.71 9.90
C SER A 174 -9.99 -15.73 11.34
N ILE A 175 -9.65 -14.74 12.16
CA ILE A 175 -10.09 -14.72 13.57
C ILE A 175 -11.62 -14.61 13.67
N MET A 176 -12.18 -13.73 12.87
CA MET A 176 -13.60 -13.46 12.90
C MET A 176 -14.44 -14.55 12.25
N ASP A 177 -14.00 -15.11 11.15
CA ASP A 177 -14.73 -16.19 10.53
C ASP A 177 -14.56 -17.51 11.29
N MET A 178 -13.62 -17.58 12.25
CA MET A 178 -13.25 -18.85 12.89
C MET A 178 -12.83 -19.86 11.77
N GLU A 179 -12.00 -19.40 10.83
CA GLU A 179 -11.58 -20.18 9.67
C GLU A 179 -10.07 -20.10 9.40
N ASP A 180 -9.41 -21.26 9.43
CA ASP A 180 -8.06 -21.39 8.91
C ASP A 180 -7.96 -20.99 7.43
N PHE A 181 -6.74 -20.67 6.99
CA PHE A 181 -6.49 -20.41 5.58
C PHE A 181 -5.06 -20.72 5.24
N THR A 182 -4.80 -20.92 3.96
CA THR A 182 -3.45 -20.96 3.47
C THR A 182 -3.24 -19.71 2.62
N PRO A 183 -2.02 -19.15 2.58
CA PRO A 183 -1.80 -17.99 1.72
C PRO A 183 -1.96 -18.31 0.25
N GLY A 184 -2.59 -17.39 -0.47
CA GLY A 184 -2.70 -17.48 -1.90
C GLY A 184 -1.64 -16.61 -2.53
N LEU A 185 -1.80 -16.37 -3.84
CA LEU A 185 -0.83 -15.61 -4.63
C LEU A 185 -0.66 -14.17 -4.18
N ALA A 186 -1.79 -13.58 -3.77
CA ALA A 186 -1.87 -12.21 -3.25
C ALA A 186 -0.93 -12.01 -2.06
N MET A 187 -1.12 -12.84 -1.04
CA MET A 187 -0.27 -12.79 0.16
C MET A 187 1.20 -13.15 -0.15
N LEU A 188 1.40 -14.22 -0.90
CA LEU A 188 2.75 -14.66 -1.25
C LEU A 188 3.49 -13.66 -2.08
N SER A 189 2.79 -12.96 -2.98
CA SER A 189 3.46 -12.02 -3.86
C SER A 189 3.92 -10.82 -3.07
N LEU A 190 3.26 -10.51 -1.95
CA LEU A 190 3.71 -9.44 -1.08
C LEU A 190 4.95 -9.87 -0.35
N GLU A 191 4.90 -11.09 0.19
CA GLU A 191 6.05 -11.65 0.92
C GLU A 191 7.27 -11.68 0.03
N GLU A 192 7.11 -12.26 -1.16
CA GLU A 192 8.13 -12.31 -2.20
C GLU A 192 8.77 -10.95 -2.45
N ASN A 193 7.97 -9.89 -2.56
CA ASN A 193 8.43 -8.60 -3.06
C ASN A 193 8.68 -7.50 -2.08
N TRP A 194 8.64 -7.80 -0.78
CA TRP A 194 8.83 -6.79 0.24
C TRP A 194 10.10 -5.99 -0.04
N THR A 195 11.15 -6.72 -0.30
CA THR A 195 12.47 -6.17 -0.46
C THR A 195 12.54 -5.31 -1.75
N GLN A 196 11.99 -5.86 -2.82
CA GLN A 196 11.99 -5.21 -4.11
C GLN A 196 11.15 -3.95 -4.13
N LEU A 197 10.00 -3.96 -3.44
CA LEU A 197 9.16 -2.79 -3.33
C LEU A 197 9.87 -1.72 -2.55
N SER A 198 10.61 -2.12 -1.51
CA SER A 198 11.36 -1.16 -0.72
C SER A 198 12.37 -0.47 -1.61
N LEU A 199 13.09 -1.27 -2.38
CA LEU A 199 14.07 -0.74 -3.34
C LEU A 199 13.43 0.17 -4.36
N GLN A 200 12.40 -0.29 -5.05
CA GLN A 200 11.78 0.58 -6.07
C GLN A 200 11.22 1.90 -5.54
N LEU A 201 10.54 1.84 -4.39
CA LEU A 201 10.01 3.04 -3.72
C LEU A 201 11.04 4.08 -3.44
N GLN A 202 12.19 3.63 -2.96
CA GLN A 202 13.24 4.57 -2.58
C GLN A 202 13.94 5.09 -3.80
N ALA A 203 14.14 4.22 -4.78
CA ALA A 203 14.68 4.62 -6.06
C ALA A 203 13.73 5.53 -6.82
N SER A 204 12.43 5.36 -6.63
CA SER A 204 11.44 6.14 -7.38
C SER A 204 11.57 7.66 -7.16
N GLU A 205 12.32 8.06 -6.14
CA GLU A 205 12.43 9.49 -5.77
C GLU A 205 12.99 10.31 -6.92
N SER A 206 13.99 9.74 -7.60
CA SER A 206 14.61 10.38 -8.74
C SER A 206 13.80 10.29 -10.06
N LEU A 207 12.64 9.62 -10.10
CA LEU A 207 11.79 9.64 -11.28
C LEU A 207 10.36 9.99 -10.97
N ASN A 208 10.13 11.03 -10.18
CA ASN A 208 8.75 11.50 -9.98
C ASN A 208 7.76 10.38 -9.54
N GLY A 209 8.25 9.42 -8.73
CA GLY A 209 7.39 8.39 -8.15
C GLY A 209 7.35 7.11 -8.94
N VAL A 210 8.15 7.04 -9.98
CA VAL A 210 8.05 5.94 -10.92
C VAL A 210 9.20 4.99 -10.65
N PHE A 211 8.90 3.70 -10.73
CA PHE A 211 9.87 2.67 -10.45
C PHE A 211 10.86 2.48 -11.59
N GLY A 212 12.07 2.03 -11.28
CA GLY A 212 12.95 1.43 -12.30
C GLY A 212 12.49 0.07 -12.81
N ASP A 213 11.64 -0.64 -12.09
CA ASP A 213 11.20 -1.97 -12.54
C ASP A 213 9.81 -2.25 -12.01
N SER A 214 8.98 -2.98 -12.76
CA SER A 214 7.64 -3.33 -12.29
C SER A 214 7.65 -4.52 -11.30
N VAL A 215 6.68 -4.52 -10.40
CA VAL A 215 6.49 -5.58 -9.42
C VAL A 215 5.08 -6.18 -9.51
N SER A 216 4.98 -7.49 -9.65
CA SER A 216 3.69 -8.12 -9.84
C SER A 216 3.06 -8.51 -8.55
N LEU A 217 1.95 -7.87 -8.23
CA LEU A 217 1.17 -8.21 -7.05
C LEU A 217 -0.20 -8.76 -7.45
N TYR A 218 -0.47 -9.97 -7.03
CA TYR A 218 -1.69 -10.63 -7.35
C TYR A 218 -2.77 -10.09 -6.49
N ASN A 219 -4.00 -10.11 -7.00
CA ASN A 219 -5.18 -9.82 -6.18
C ASN A 219 -5.85 -11.12 -5.69
N SER A 220 -7.02 -11.01 -5.04
CA SER A 220 -7.69 -12.21 -4.49
C SER A 220 -8.40 -13.07 -5.55
N MET A 221 -8.56 -12.53 -6.77
CA MET A 221 -8.94 -13.30 -7.95
C MET A 221 -7.76 -13.89 -8.72
N ASP A 222 -6.57 -13.94 -8.12
CA ASP A 222 -5.35 -14.40 -8.77
C ASP A 222 -4.98 -13.66 -10.04
N GLU A 223 -5.39 -12.41 -10.19
CA GLU A 223 -4.98 -11.59 -11.34
C GLU A 223 -3.74 -10.74 -10.96
N PRO A 224 -2.72 -10.74 -11.82
CA PRO A 224 -1.53 -9.94 -11.56
C PRO A 224 -1.70 -8.47 -11.86
N ILE A 225 -1.24 -7.63 -10.93
CA ILE A 225 -1.29 -6.20 -11.07
C ILE A 225 0.13 -5.68 -10.98
N GLY A 226 0.50 -4.95 -12.03
CA GLY A 226 1.85 -4.51 -12.24
C GLY A 226 1.87 -3.18 -11.54
N VAL A 227 2.73 -3.10 -10.54
CA VAL A 227 2.92 -1.90 -9.77
C VAL A 227 4.28 -1.39 -10.22
N ASP A 228 4.29 -0.31 -10.99
CA ASP A 228 5.53 0.23 -11.53
C ASP A 228 5.70 1.66 -11.15
N SER A 229 5.07 2.03 -10.06
CA SER A 229 5.14 3.39 -9.53
C SER A 229 4.56 3.35 -8.11
N MET A 230 4.64 4.50 -7.43
CA MET A 230 4.13 4.68 -6.07
C MET A 230 2.63 4.98 -5.99
N TYR A 231 1.93 4.95 -7.13
CA TYR A 231 0.60 5.49 -7.20
C TYR A 231 -0.48 4.43 -7.20
N TYR A 232 -0.21 3.30 -6.56
CA TYR A 232 -1.19 2.25 -6.41
C TYR A 232 -1.61 2.14 -4.95
N PRO A 233 -2.92 2.31 -4.66
CA PRO A 233 -3.43 2.11 -3.29
C PRO A 233 -3.12 0.75 -2.65
N ILE A 234 -3.11 -0.31 -3.46
CA ILE A 234 -2.72 -1.63 -3.00
C ILE A 234 -1.27 -1.76 -2.51
N LEU A 235 -0.43 -0.79 -2.82
CA LEU A 235 0.91 -0.72 -2.24
C LEU A 235 0.88 0.29 -1.09
N THR A 236 0.53 1.52 -1.46
CA THR A 236 0.56 2.67 -0.58
C THR A 236 -0.30 2.54 0.70
N ALA A 237 -1.43 1.88 0.61
CA ALA A 237 -2.29 1.68 1.76
C ALA A 237 -2.11 0.28 2.36
N ASN A 238 -0.98 -0.39 2.09
CA ASN A 238 -0.76 -1.81 2.43
C ASN A 238 0.59 -1.95 3.13
N MET A 239 1.66 -1.61 2.44
CA MET A 239 3.00 -1.80 2.93
C MET A 239 3.22 -0.76 4.01
N ALA A 240 3.37 -1.25 5.24
CA ALA A 240 3.47 -0.39 6.40
C ALA A 240 4.88 0.15 6.65
N PHE A 241 5.90 -0.61 6.28
CA PHE A 241 7.27 -0.12 6.33
C PHE A 241 8.15 -0.82 5.30
N GLN A 242 9.32 -0.22 5.05
CA GLN A 242 10.28 -0.74 4.08
C GLN A 242 11.67 -1.03 4.68
N LEU A 243 12.36 -1.97 4.04
CA LEU A 243 13.78 -2.17 4.18
C LEU A 243 14.57 -0.98 3.61
N TYR A 244 15.57 -0.51 4.34
CA TYR A 244 16.42 0.56 3.87
C TYR A 244 17.14 0.07 2.64
N GLN A 245 17.10 0.85 1.56
CA GLN A 245 17.76 0.45 0.32
C GLN A 245 18.61 1.52 -0.32
N CYS A 246 18.20 2.77 -0.27
CA CYS A 246 18.99 3.76 -0.95
C CYS A 246 19.21 5.06 -0.22
N PRO A 247 20.47 5.49 -0.22
CA PRO A 247 20.82 6.78 0.37
C PRO A 247 20.07 7.91 -0.30
N ASN B 1 24.83 1.13 -5.49
CA ASN B 1 23.61 0.50 -6.06
C ASN B 1 23.07 1.37 -7.21
N GLU B 2 23.26 0.89 -8.43
CA GLU B 2 22.82 1.59 -9.61
C GLU B 2 21.34 1.46 -9.80
N GLN B 3 20.74 0.59 -9.01
CA GLN B 3 19.32 0.36 -8.99
C GLN B 3 18.63 1.51 -8.30
N CYS B 4 19.38 2.20 -7.44
CA CYS B 4 18.84 3.34 -6.71
C CYS B 4 18.76 4.57 -7.61
N SER B 5 19.40 4.51 -8.77
CA SER B 5 19.42 5.69 -9.67
C SER B 5 19.01 5.30 -11.09
N PRO B 6 17.79 4.81 -11.24
CA PRO B 6 17.27 4.43 -12.54
C PRO B 6 17.32 5.57 -13.54
N GLN B 7 17.81 5.26 -14.71
CA GLN B 7 17.99 6.22 -15.75
C GLN B 7 16.70 6.65 -16.44
N GLN B 8 15.72 5.77 -16.52
CA GLN B 8 14.45 6.07 -17.13
C GLN B 8 13.46 4.94 -16.97
N ARG B 9 12.20 5.24 -17.16
CA ARG B 9 11.14 4.24 -17.17
C ARG B 9 9.99 4.69 -18.09
N THR B 10 9.43 3.73 -18.80
CA THR B 10 8.36 3.97 -19.73
C THR B 10 7.07 3.37 -19.17
N THR B 11 6.04 4.20 -19.13
CA THR B 11 4.80 3.82 -18.50
C THR B 11 3.64 4.55 -19.18
N ARG B 12 2.43 4.31 -18.71
CA ARG B 12 1.23 5.03 -19.16
C ARG B 12 0.83 5.98 -18.06
N ILE B 13 -0.05 6.90 -18.40
CA ILE B 13 -0.65 7.77 -17.46
C ILE B 13 -2.14 7.68 -17.66
N SER B 14 -2.87 7.23 -16.66
CA SER B 14 -4.32 7.14 -16.77
C SER B 14 -4.93 8.11 -15.79
N GLY B 15 -6.09 8.64 -16.14
CA GLY B 15 -6.74 9.60 -15.29
C GLY B 15 -8.24 9.47 -15.17
N ARG B 16 -8.93 10.54 -15.54
CA ARG B 16 -10.37 10.65 -15.42
C ARG B 16 -11.08 9.53 -16.13
N ASP B 17 -12.08 9.01 -15.46
CA ASP B 17 -12.85 7.88 -15.97
C ASP B 17 -12.04 6.67 -16.48
N GLY B 18 -10.77 6.60 -16.11
CA GLY B 18 -9.89 5.49 -16.54
C GLY B 18 -9.32 5.67 -17.93
N LEU B 19 -9.41 6.87 -18.49
CA LEU B 19 -8.85 7.11 -19.80
C LEU B 19 -7.39 7.58 -19.67
N CYS B 20 -6.68 7.61 -20.80
CA CYS B 20 -5.24 7.70 -20.84
C CYS B 20 -4.78 8.99 -21.47
N VAL B 21 -3.59 9.39 -21.08
CA VAL B 21 -2.95 10.57 -21.60
C VAL B 21 -2.30 10.18 -22.95
N ASP B 22 -2.68 10.91 -24.00
CA ASP B 22 -2.57 10.46 -25.39
C ASP B 22 -2.23 11.64 -26.26
N VAL B 23 -1.19 11.53 -27.08
CA VAL B 23 -0.87 12.60 -28.05
C VAL B 23 -1.79 12.38 -29.24
N TYR B 24 -2.71 13.34 -29.45
CA TYR B 24 -3.78 13.22 -30.48
C TYR B 24 -3.21 12.84 -31.86
N GLY B 25 -3.72 11.72 -32.40
CA GLY B 25 -3.29 11.20 -33.72
C GLY B 25 -1.82 10.82 -33.84
N ALA B 26 -1.13 10.73 -32.70
CA ALA B 26 0.33 10.55 -32.64
C ALA B 26 1.15 11.60 -33.39
N LEU B 27 0.64 12.84 -33.44
CA LEU B 27 1.29 13.90 -34.22
C LEU B 27 2.55 14.38 -33.51
N THR B 28 3.62 14.59 -34.28
CA THR B 28 4.94 14.81 -33.71
C THR B 28 5.41 16.26 -33.77
N ALA B 29 4.56 17.16 -34.28
CA ALA B 29 4.93 18.58 -34.42
C ALA B 29 4.99 19.28 -33.06
N ASP B 30 5.96 20.17 -32.89
CA ASP B 30 5.99 21.05 -31.72
C ASP B 30 4.59 21.62 -31.47
N GLY B 31 4.09 21.48 -30.24
CA GLY B 31 2.74 21.94 -29.90
C GLY B 31 1.59 21.00 -30.25
N SER B 32 1.90 19.77 -30.68
CA SER B 32 0.86 18.76 -30.88
C SER B 32 0.21 18.41 -29.53
N ARG B 33 -1.12 18.43 -29.50
CA ARG B 33 -1.80 18.50 -28.22
C ARG B 33 -2.02 17.11 -27.65
N VAL B 34 -2.13 17.09 -26.33
CA VAL B 34 -2.38 15.89 -25.59
C VAL B 34 -3.85 15.89 -25.19
N ILE B 35 -4.42 14.69 -25.20
CA ILE B 35 -5.85 14.46 -25.00
C ILE B 35 -6.11 13.26 -24.12
N LEU B 36 -7.35 13.15 -23.71
CA LEU B 36 -7.91 11.98 -23.08
C LEU B 36 -8.29 10.98 -24.18
N TYR B 37 -8.04 9.68 -23.97
CA TYR B 37 -8.32 8.67 -24.99
C TYR B 37 -8.24 7.28 -24.39
N PRO B 38 -9.15 6.35 -24.80
CA PRO B 38 -9.11 4.99 -24.23
C PRO B 38 -7.74 4.34 -24.31
N CYS B 39 -7.38 3.63 -23.24
CA CYS B 39 -6.03 3.14 -23.06
C CYS B 39 -5.72 2.00 -24.01
N GLY B 40 -4.51 1.98 -24.54
CA GLY B 40 -4.04 0.86 -25.37
C GLY B 40 -2.53 0.84 -25.44
N GLN B 41 -2.00 0.05 -26.37
CA GLN B 41 -0.55 -0.14 -26.40
C GLN B 41 0.20 0.78 -27.36
N GLN B 42 -0.53 1.68 -27.99
CA GLN B 42 0.04 2.63 -28.93
C GLN B 42 1.12 3.54 -28.35
N GLN B 43 2.17 3.70 -29.10
CA GLN B 43 3.38 4.50 -28.73
C GLN B 43 3.09 5.90 -28.16
N ASN B 44 2.07 6.53 -28.68
CA ASN B 44 1.70 7.88 -28.29
C ASN B 44 0.87 7.91 -26.97
N GLN B 45 0.60 6.76 -26.35
CA GLN B 45 0.22 6.71 -24.93
C GLN B 45 1.37 6.22 -24.00
N GLN B 46 2.60 6.23 -24.49
CA GLN B 46 3.72 5.77 -23.71
C GLN B 46 4.60 6.91 -23.28
N TRP B 47 4.78 7.03 -21.97
CA TRP B 47 5.42 8.18 -21.39
C TRP B 47 6.65 7.73 -20.68
N THR B 48 7.79 8.27 -21.10
CA THR B 48 9.06 7.92 -20.53
C THR B 48 9.55 9.01 -19.59
N PHE B 49 9.76 8.63 -18.32
CA PHE B 49 10.21 9.55 -17.26
C PHE B 49 11.70 9.45 -17.09
N TYR B 50 12.33 10.54 -16.65
CA TYR B 50 13.80 10.69 -16.60
C TYR B 50 14.14 11.50 -15.37
N PRO B 51 15.39 11.50 -14.96
CA PRO B 51 15.84 12.26 -13.79
C PRO B 51 15.73 13.77 -13.95
N ASP B 52 15.66 14.24 -15.19
CA ASP B 52 15.58 15.66 -15.48
C ASP B 52 14.16 16.22 -15.34
N ASN B 53 13.22 15.38 -14.94
CA ASN B 53 11.85 15.83 -14.76
C ASN B 53 11.07 16.06 -16.04
N THR B 54 11.44 15.32 -17.07
CA THR B 54 10.78 15.40 -18.35
C THR B 54 9.91 14.17 -18.54
N ILE B 55 8.79 14.34 -19.21
CA ILE B 55 7.89 13.23 -19.47
C ILE B 55 7.67 13.21 -20.97
N ARG B 56 8.06 12.08 -21.60
CA ARG B 56 8.25 12.04 -23.03
C ARG B 56 7.43 10.97 -23.65
N SER B 57 6.75 11.34 -24.73
CA SER B 57 6.19 10.37 -25.68
C SER B 57 6.63 10.82 -27.05
N LEU B 58 6.96 9.84 -27.91
CA LEU B 58 7.37 10.10 -29.33
C LEU B 58 8.65 10.91 -29.43
N GLY B 59 9.52 10.78 -28.42
CA GLY B 59 10.78 11.50 -28.38
C GLY B 59 10.70 12.95 -27.96
N LYS B 60 9.50 13.44 -27.66
CA LYS B 60 9.29 14.83 -27.28
C LYS B 60 8.68 14.97 -25.89
N CYS B 61 8.71 16.21 -25.39
CA CYS B 61 8.39 16.54 -24.02
C CYS B 61 6.98 17.09 -23.77
N LEU B 62 6.28 16.45 -22.81
CA LEU B 62 5.01 16.95 -22.25
C LEU B 62 5.25 18.34 -21.70
N ALA B 63 4.39 19.30 -22.01
CA ALA B 63 4.57 20.66 -21.49
C ALA B 63 3.30 21.43 -21.51
N THR B 64 3.32 22.49 -20.71
CA THR B 64 2.31 23.53 -20.83
C THR B 64 2.62 24.40 -22.06
N SER B 65 1.61 25.15 -22.47
CA SER B 65 1.72 26.04 -23.63
C SER B 65 1.43 27.49 -23.22
N ALA B 66 1.49 27.80 -21.94
CA ALA B 66 1.01 29.11 -21.45
C ALA B 66 1.24 29.23 -19.96
N LEU B 67 1.61 30.42 -19.53
CA LEU B 67 1.78 30.74 -18.12
C LEU B 67 0.44 30.85 -17.38
N SER B 68 -0.65 31.12 -18.09
CA SER B 68 -1.96 31.27 -17.45
C SER B 68 -2.86 30.09 -17.76
N SER B 69 -3.79 29.84 -16.85
CA SER B 69 -4.65 28.67 -16.91
C SER B 69 -5.45 28.63 -18.19
N GLY B 70 -5.99 27.46 -18.54
CA GLY B 70 -6.89 27.30 -19.68
C GLY B 70 -6.32 26.84 -21.02
N SER B 71 -5.00 26.76 -21.19
CA SER B 71 -4.41 26.36 -22.48
C SER B 71 -3.94 24.92 -22.52
N ASN B 72 -3.86 24.37 -23.73
CA ASN B 72 -3.56 22.96 -23.90
C ASN B 72 -2.18 22.60 -23.37
N VAL B 73 -2.11 21.38 -22.85
CA VAL B 73 -0.84 20.69 -22.62
C VAL B 73 -0.49 20.00 -23.94
N VAL B 74 0.79 20.04 -24.27
CA VAL B 74 1.27 19.59 -25.57
C VAL B 74 2.54 18.77 -25.42
N ILE B 75 3.06 18.23 -26.53
CA ILE B 75 4.45 17.82 -26.61
C ILE B 75 5.19 18.82 -27.47
N THR B 76 6.39 19.18 -27.03
CA THR B 76 7.28 20.03 -27.79
C THR B 76 8.69 19.45 -27.74
N ASN B 77 9.54 19.93 -28.64
CA ASN B 77 10.98 19.66 -28.62
C ASN B 77 11.50 19.85 -27.20
N CYS B 78 12.25 18.86 -26.69
CA CYS B 78 12.78 18.92 -25.32
C CYS B 78 13.92 19.90 -25.18
N ASP B 79 14.58 20.24 -26.29
CA ASP B 79 15.64 21.24 -26.27
C ASP B 79 15.13 22.60 -25.82
N TYR B 80 13.90 22.94 -26.16
CA TYR B 80 13.28 24.21 -25.75
C TYR B 80 13.17 24.35 -24.24
N LEU B 81 12.92 23.24 -23.55
CA LEU B 81 12.76 23.23 -22.10
C LEU B 81 14.07 22.98 -21.39
N ARG B 82 15.16 23.28 -22.07
CA ARG B 82 16.50 23.03 -21.55
C ARG B 82 16.78 23.73 -20.22
N TYR B 83 16.26 24.93 -20.01
CA TYR B 83 16.51 25.63 -18.75
C TYR B 83 15.32 25.75 -17.79
N ASP B 84 14.38 24.81 -17.89
CA ASP B 84 13.18 24.79 -17.05
C ASP B 84 13.28 23.62 -16.05
N ASP B 85 12.67 23.80 -14.87
CA ASP B 85 12.64 22.77 -13.86
C ASP B 85 11.80 21.55 -14.21
N GLY B 86 10.68 21.73 -14.91
CA GLY B 86 9.91 20.61 -15.44
C GLY B 86 8.72 20.28 -14.58
N TRP B 87 8.36 18.99 -14.54
CA TRP B 87 7.16 18.49 -13.82
C TRP B 87 7.48 17.93 -12.43
N MET B 88 6.55 18.11 -11.49
CA MET B 88 6.60 17.45 -10.17
C MET B 88 5.27 16.76 -9.94
N VAL B 89 5.32 15.51 -9.56
CA VAL B 89 4.10 14.76 -9.29
C VAL B 89 3.91 14.60 -7.78
N SER B 90 2.81 15.11 -7.23
CA SER B 90 2.55 14.95 -5.80
C SER B 90 2.19 13.50 -5.54
N SER B 91 2.38 13.06 -4.31
CA SER B 91 2.04 11.69 -3.93
C SER B 91 0.56 11.34 -4.12
N SER B 92 -0.33 12.33 -4.22
CA SER B 92 -1.72 12.06 -4.57
C SER B 92 -2.01 12.01 -6.09
N GLY B 93 -0.98 12.15 -6.93
CA GLY B 93 -1.13 12.07 -8.39
C GLY B 93 -1.46 13.37 -9.11
N THR B 94 -1.12 14.49 -8.50
CA THR B 94 -1.28 15.80 -9.11
C THR B 94 0.00 15.99 -9.91
N MET B 95 -0.15 16.35 -11.18
CA MET B 95 0.98 16.52 -12.09
C MET B 95 1.11 17.99 -12.34
N MET B 96 2.21 18.56 -11.83
CA MET B 96 2.33 20.00 -11.72
C MET B 96 3.55 20.53 -12.40
N ASN B 97 3.36 21.60 -13.16
CA ASN B 97 4.47 22.38 -13.69
C ASN B 97 5.15 23.17 -12.56
N LYS B 98 6.38 22.82 -12.22
CA LYS B 98 7.07 23.37 -11.04
C LYS B 98 7.11 24.87 -11.03
N SER B 99 7.33 25.43 -12.20
CA SER B 99 7.46 26.86 -12.36
C SER B 99 6.13 27.57 -12.28
N SER B 100 5.23 27.24 -13.19
CA SER B 100 3.95 27.94 -13.28
C SER B 100 2.92 27.47 -12.26
N HIS B 101 3.17 26.35 -11.58
CA HIS B 101 2.23 25.72 -10.64
C HIS B 101 0.94 25.20 -11.28
N LEU B 102 0.84 25.23 -12.63
CA LEU B 102 -0.34 24.74 -13.30
C LEU B 102 -0.33 23.22 -13.26
N VAL B 103 -1.50 22.61 -13.38
CA VAL B 103 -1.62 21.16 -13.25
C VAL B 103 -2.40 20.51 -14.38
N LEU B 104 -1.94 19.32 -14.78
CA LEU B 104 -2.59 18.57 -15.83
C LEU B 104 -4.04 18.28 -15.45
N THR B 105 -4.96 18.71 -16.30
CA THR B 105 -6.39 18.68 -16.01
C THR B 105 -7.22 18.27 -17.22
N ALA B 106 -8.33 17.58 -16.92
CA ALA B 106 -9.30 17.13 -17.93
C ALA B 106 -10.67 17.78 -17.66
N ASN B 107 -10.98 18.82 -18.41
CA ASN B 107 -12.19 19.57 -18.16
C ASN B 107 -13.49 18.86 -18.54
N ALA B 108 -13.38 17.76 -19.27
CA ALA B 108 -14.47 16.82 -19.49
C ALA B 108 -13.90 15.39 -19.46
N ALA B 109 -14.82 14.44 -19.35
CA ALA B 109 -14.53 13.02 -19.23
C ALA B 109 -14.51 12.24 -20.57
N THR B 110 -15.00 12.84 -21.66
CA THR B 110 -15.20 12.10 -22.92
C THR B 110 -13.89 11.96 -23.66
N SER B 111 -13.87 10.93 -24.51
CA SER B 111 -12.73 10.65 -25.35
C SER B 111 -12.40 11.83 -26.32
N ARG B 112 -11.11 12.10 -26.44
CA ARG B 112 -10.64 13.17 -27.27
C ARG B 112 -10.68 14.54 -26.59
N THR B 113 -11.04 14.60 -25.31
CA THR B 113 -11.03 15.87 -24.59
C THR B 113 -9.61 16.46 -24.50
N ASN B 114 -9.47 17.75 -24.76
CA ASN B 114 -8.18 18.41 -24.68
C ASN B 114 -7.77 18.54 -23.23
N LEU B 115 -6.58 18.04 -22.92
CA LEU B 115 -5.97 18.30 -21.63
C LEU B 115 -5.38 19.70 -21.64
N THR B 116 -5.66 20.41 -20.55
CA THR B 116 -5.28 21.79 -20.37
C THR B 116 -4.48 21.90 -19.08
N GLY B 117 -3.69 22.97 -18.98
CA GLY B 117 -2.97 23.33 -17.76
C GLY B 117 -3.84 24.32 -17.02
N GLU B 118 -4.27 23.95 -15.82
CA GLU B 118 -5.21 24.71 -15.02
C GLU B 118 -4.66 24.99 -13.62
N ASN B 119 -5.34 25.89 -12.92
CA ASN B 119 -5.08 26.16 -11.49
C ASN B 119 -5.45 24.97 -10.62
N ASN B 120 -4.57 24.57 -9.71
CA ASN B 120 -4.87 23.41 -8.87
C ASN B 120 -5.95 23.63 -7.81
N VAL B 121 -6.99 22.80 -7.87
CA VAL B 121 -8.03 22.77 -6.85
C VAL B 121 -8.32 21.37 -6.27
N PHE B 122 -7.46 20.39 -6.56
CA PHE B 122 -7.60 19.00 -6.09
C PHE B 122 -8.86 18.27 -6.54
N ALA B 123 -9.42 18.67 -7.68
CA ALA B 123 -10.54 17.93 -8.29
C ALA B 123 -10.10 16.54 -8.81
N ALA B 124 -11.06 15.62 -8.92
CA ALA B 124 -10.74 14.26 -9.42
C ALA B 124 -10.26 14.34 -10.85
N LYS B 125 -10.79 15.32 -11.58
CA LYS B 125 -10.36 15.60 -12.94
C LYS B 125 -8.91 16.09 -13.06
N GLN B 126 -8.25 16.29 -11.92
CA GLN B 126 -6.86 16.71 -11.85
C GLN B 126 -5.96 15.62 -11.26
N ALA B 127 -6.50 14.42 -11.10
CA ALA B 127 -5.85 13.32 -10.41
C ALA B 127 -5.46 12.29 -11.45
N TRP B 128 -4.20 11.88 -11.45
CA TRP B 128 -3.62 10.96 -12.44
C TRP B 128 -2.94 9.78 -11.76
N ARG B 129 -3.15 8.60 -12.30
CA ARG B 129 -2.33 7.44 -11.98
C ARG B 129 -1.26 7.24 -13.04
N ILE B 130 0.00 7.29 -12.61
CA ILE B 130 1.13 7.08 -13.50
C ILE B 130 1.47 5.65 -13.33
N GLY B 131 1.35 4.87 -14.37
CA GLY B 131 1.39 3.42 -14.22
C GLY B 131 0.89 2.67 -15.42
N ASN B 132 1.50 1.54 -15.69
CA ASN B 132 1.20 0.78 -16.88
C ASN B 132 -0.13 0.09 -16.73
N TYR B 133 -0.45 -0.32 -15.51
CA TYR B 133 -1.73 -0.92 -15.21
C TYR B 133 -2.71 0.19 -14.91
N VAL B 134 -3.66 0.34 -15.83
CA VAL B 134 -4.62 1.45 -15.85
C VAL B 134 -6.05 1.05 -15.43
N GLU B 135 -6.26 -0.21 -15.10
CA GLU B 135 -7.60 -0.71 -14.79
C GLU B 135 -8.06 -0.30 -13.39
N PRO B 136 -9.38 -0.17 -13.22
CA PRO B 136 -9.86 0.09 -11.88
C PRO B 136 -9.51 -1.09 -11.01
N ILE B 137 -9.24 -0.84 -9.75
CA ILE B 137 -8.87 -1.87 -8.81
C ILE B 137 -10.10 -2.16 -7.95
N VAL B 138 -10.54 -3.41 -7.99
CA VAL B 138 -11.70 -3.85 -7.27
C VAL B 138 -11.32 -4.28 -5.86
N THR B 139 -12.04 -3.75 -4.88
CA THR B 139 -11.64 -3.90 -3.49
C THR B 139 -12.83 -3.83 -2.54
N THR B 140 -12.65 -4.36 -1.32
CA THR B 140 -13.50 -4.01 -0.19
C THR B 140 -12.74 -2.99 0.62
N ILE B 141 -13.47 -2.15 1.34
CA ILE B 141 -12.86 -1.10 2.13
C ILE B 141 -13.32 -1.28 3.55
N ILE B 142 -12.35 -1.55 4.41
CA ILE B 142 -12.59 -2.01 5.77
C ILE B 142 -12.24 -0.91 6.73
N GLY B 143 -13.21 -0.62 7.59
CA GLY B 143 -13.03 0.36 8.65
C GLY B 143 -13.32 -0.17 10.04
N LEU B 144 -13.98 0.69 10.81
CA LEU B 144 -14.18 0.54 12.24
C LEU B 144 -14.96 -0.74 12.55
N ARG B 145 -14.59 -1.37 13.66
CA ARG B 145 -15.15 -2.67 14.06
C ARG B 145 -15.02 -3.79 12.99
N HIS B 146 -14.07 -3.62 12.08
CA HIS B 146 -13.74 -4.57 11.02
C HIS B 146 -14.89 -4.79 10.07
N MET B 147 -15.66 -3.75 9.86
CA MET B 147 -16.83 -3.82 9.00
C MET B 147 -16.48 -3.20 7.67
N CYS B 148 -17.28 -3.48 6.66
CA CYS B 148 -17.02 -3.09 5.26
C CYS B 148 -17.91 -1.95 4.89
N LEU B 149 -17.40 -0.97 4.15
CA LEU B 149 -18.31 -0.01 3.51
C LEU B 149 -19.23 -0.75 2.54
N GLU B 150 -20.52 -0.43 2.62
CA GLU B 150 -21.53 -0.91 1.70
C GLU B 150 -22.24 0.27 1.04
N ALA B 151 -22.52 0.12 -0.28
CA ALA B 151 -23.34 1.08 -1.01
C ALA B 151 -24.83 0.74 -0.80
N THR B 152 -25.59 1.73 -0.34
CA THR B 152 -26.93 1.51 0.21
C THR B 152 -27.95 2.47 -0.37
N ASP B 153 -29.22 2.16 -0.09
CA ASP B 153 -30.35 3.01 -0.46
C ASP B 153 -30.34 3.29 -1.95
N ASN B 154 -30.35 2.20 -2.71
CA ASN B 154 -30.25 2.28 -4.16
C ASN B 154 -29.06 3.07 -4.62
N ASP B 155 -27.88 2.72 -4.10
CA ASP B 155 -26.61 3.41 -4.43
C ASP B 155 -26.63 4.95 -4.24
N THR B 156 -27.22 5.40 -3.13
CA THR B 156 -27.23 6.83 -2.79
C THR B 156 -26.48 7.15 -1.51
N ASN B 157 -26.35 6.16 -0.63
CA ASN B 157 -25.66 6.34 0.63
C ASN B 157 -24.61 5.27 0.89
N VAL B 158 -23.82 5.50 1.90
CA VAL B 158 -22.77 4.60 2.21
C VAL B 158 -22.58 4.56 3.70
N TRP B 159 -22.36 3.36 4.20
CA TRP B 159 -22.02 3.18 5.60
C TRP B 159 -21.43 1.77 5.86
N LEU B 160 -21.06 1.47 7.10
CA LEU B 160 -20.46 0.22 7.45
C LEU B 160 -21.46 -0.91 7.77
N GLU B 161 -21.13 -2.11 7.29
CA GLU B 161 -21.89 -3.34 7.52
C GLU B 161 -20.92 -4.51 7.73
N SER B 162 -21.38 -5.57 8.38
CA SER B 162 -20.51 -6.72 8.60
C SER B 162 -20.08 -7.28 7.25
N CYS B 163 -18.79 -7.57 7.10
CA CYS B 163 -18.24 -7.96 5.81
C CYS B 163 -18.81 -9.31 5.38
N VAL B 164 -19.23 -9.39 4.13
CA VAL B 164 -19.78 -10.60 3.55
C VAL B 164 -19.15 -10.73 2.17
N LYS B 165 -18.48 -11.86 1.95
CA LYS B 165 -17.66 -12.05 0.77
C LYS B 165 -18.45 -12.01 -0.52
N ASN B 166 -19.58 -12.69 -0.57
CA ASN B 166 -20.37 -12.57 -1.83
C ASN B 166 -20.76 -11.11 -2.15
N LYS B 167 -21.00 -10.32 -1.11
CA LYS B 167 -21.93 -9.18 -1.19
C LYS B 167 -21.53 -8.08 -2.16
N THR B 168 -22.33 -7.93 -3.22
CA THR B 168 -22.00 -7.09 -4.37
C THR B 168 -21.72 -5.67 -4.01
N LYS B 169 -22.58 -5.13 -3.16
CA LYS B 169 -22.52 -3.72 -2.80
C LYS B 169 -21.38 -3.33 -1.87
N GLN B 170 -20.66 -4.31 -1.32
CA GLN B 170 -19.47 -4.04 -0.54
C GLN B 170 -18.21 -3.95 -1.41
N TYR B 171 -18.34 -4.06 -2.74
CA TYR B 171 -17.16 -3.98 -3.64
C TYR B 171 -17.05 -2.63 -4.30
N TRP B 172 -15.82 -2.13 -4.37
CA TRP B 172 -15.56 -0.76 -4.81
C TRP B 172 -14.48 -0.76 -5.87
N ALA B 173 -14.65 0.09 -6.87
CA ALA B 173 -13.70 0.17 -7.94
C ALA B 173 -12.90 1.47 -7.84
N LEU B 174 -11.59 1.30 -7.63
CA LEU B 174 -10.67 2.43 -7.39
C LEU B 174 -10.11 2.89 -8.68
N TYR B 175 -10.53 4.04 -9.17
CA TYR B 175 -10.11 4.55 -10.49
C TYR B 175 -8.84 5.37 -10.41
N SER B 176 -8.28 5.61 -11.60
CA SER B 176 -7.01 6.31 -11.74
C SER B 176 -7.11 7.79 -11.45
N ASP B 177 -8.35 8.30 -11.41
CA ASP B 177 -8.64 9.69 -11.09
C ASP B 177 -8.94 9.89 -9.61
N ASP B 178 -8.49 8.93 -8.76
CA ASP B 178 -8.66 8.95 -7.33
C ASP B 178 -10.16 8.85 -6.92
N THR B 179 -11.02 8.36 -7.82
CA THR B 179 -12.41 8.21 -7.46
C THR B 179 -12.64 6.83 -6.87
N ILE B 180 -13.69 6.72 -6.08
CA ILE B 180 -14.07 5.46 -5.44
C ILE B 180 -15.46 5.18 -5.92
N ARG B 181 -15.59 4.15 -6.77
CA ARG B 181 -16.79 3.96 -7.59
C ARG B 181 -17.52 2.71 -7.17
N VAL B 182 -18.86 2.76 -7.28
CA VAL B 182 -19.67 1.58 -6.98
C VAL B 182 -19.26 0.55 -8.03
N ASN B 183 -18.79 -0.61 -7.58
CA ASN B 183 -18.22 -1.59 -8.52
C ASN B 183 -19.16 -1.98 -9.66
N ASN B 184 -20.40 -2.05 -9.24
CA ASN B 184 -21.50 -2.54 -9.97
C ASN B 184 -22.17 -1.45 -10.80
N ASN B 185 -21.84 -0.19 -10.54
CA ASN B 185 -22.27 0.93 -11.36
C ASN B 185 -21.22 2.01 -11.33
N ARG B 186 -20.34 1.98 -12.30
CA ARG B 186 -19.18 2.79 -12.28
C ARG B 186 -19.39 4.18 -12.82
N ASN B 187 -20.65 4.59 -12.99
CA ASN B 187 -21.03 6.01 -13.09
C ASN B 187 -21.22 6.64 -11.68
N LEU B 188 -21.31 5.82 -10.63
CA LEU B 188 -21.54 6.33 -9.32
C LEU B 188 -20.23 6.41 -8.48
N CYS B 189 -19.95 7.61 -7.92
CA CYS B 189 -18.74 7.93 -7.15
C CYS B 189 -19.06 8.27 -5.68
N VAL B 190 -18.21 7.81 -4.76
CA VAL B 190 -18.27 8.25 -3.35
C VAL B 190 -17.90 9.74 -3.32
N SER B 191 -18.75 10.54 -2.66
CA SER B 191 -18.66 12.01 -2.70
C SER B 191 -18.81 12.64 -1.34
N SER B 192 -17.89 13.54 -1.00
CA SER B 192 -18.15 14.45 0.12
C SER B 192 -19.44 15.26 -0.14
N SER B 193 -20.06 15.73 0.94
CA SER B 193 -21.32 16.47 0.90
C SER B 193 -21.28 17.68 -0.01
N THR B 194 -22.35 17.89 -0.77
CA THR B 194 -22.51 19.12 -1.57
C THR B 194 -23.41 20.14 -0.88
N ASP B 195 -24.26 19.69 0.04
CA ASP B 195 -24.98 20.57 0.96
C ASP B 195 -24.03 21.00 2.10
N SER B 196 -23.70 22.29 2.19
CA SER B 196 -22.79 22.74 3.27
C SER B 196 -23.28 22.47 4.70
N SER B 197 -24.59 22.34 4.91
CA SER B 197 -25.08 22.16 6.26
C SER B 197 -24.98 20.68 6.74
N SER B 198 -24.56 19.77 5.83
CA SER B 198 -24.22 18.37 6.18
C SER B 198 -22.73 18.04 5.92
N LYS B 199 -22.17 17.15 6.75
CA LYS B 199 -20.85 16.54 6.47
C LYS B 199 -20.95 15.13 5.86
N LEU B 200 -22.17 14.68 5.61
CA LEU B 200 -22.41 13.29 5.27
C LEU B 200 -21.79 12.94 3.93
N ILE B 201 -21.03 11.87 3.94
CA ILE B 201 -20.44 11.33 2.73
C ILE B 201 -21.51 10.46 2.12
N VAL B 202 -21.68 10.63 0.80
CA VAL B 202 -22.73 10.00 0.03
C VAL B 202 -22.20 9.47 -1.31
N ILE B 203 -23.08 8.85 -2.10
CA ILE B 203 -22.78 8.43 -3.48
C ILE B 203 -23.59 9.24 -4.49
N ARG B 204 -22.93 9.72 -5.54
CA ARG B 204 -23.48 10.62 -6.54
C ARG B 204 -22.88 10.31 -7.91
N ARG B 205 -23.52 10.77 -8.99
CA ARG B 205 -23.01 10.62 -10.35
C ARG B 205 -21.61 11.24 -10.42
N CYS B 206 -20.67 10.52 -11.01
CA CYS B 206 -19.28 10.96 -11.11
C CYS B 206 -19.22 12.24 -11.94
N ASP B 207 -18.52 13.25 -11.44
CA ASP B 207 -18.44 14.55 -12.12
C ASP B 207 -17.10 15.23 -12.08
N GLY B 208 -16.05 14.50 -11.71
CA GLY B 208 -14.71 15.07 -11.70
C GLY B 208 -14.44 16.08 -10.61
N SER B 209 -15.33 16.17 -9.61
CA SER B 209 -15.19 17.24 -8.62
C SER B 209 -14.22 16.92 -7.47
N ILE B 210 -13.91 17.96 -6.72
CA ILE B 210 -13.12 17.87 -5.50
C ILE B 210 -13.76 16.91 -4.49
N ASN B 211 -15.10 16.86 -4.49
CA ASN B 211 -15.83 16.04 -3.55
C ASN B 211 -15.62 14.55 -3.72
N GLN B 212 -15.12 14.14 -4.90
CA GLN B 212 -15.03 12.74 -5.32
C GLN B 212 -13.60 12.24 -5.46
N ARG B 213 -12.66 13.09 -5.06
CA ARG B 213 -11.28 12.76 -5.14
C ARG B 213 -10.82 12.24 -3.77
N TRP B 214 -10.36 11.00 -3.75
CA TRP B 214 -9.89 10.38 -2.52
C TRP B 214 -8.50 9.78 -2.63
N VAL B 215 -7.79 9.75 -1.51
CA VAL B 215 -6.39 9.39 -1.44
C VAL B 215 -6.18 8.47 -0.29
N PHE B 216 -5.65 7.28 -0.59
CA PHE B 216 -5.36 6.30 0.45
C PHE B 216 -3.96 6.56 0.90
N THR B 217 -3.86 7.17 2.08
CA THR B 217 -2.60 7.62 2.62
C THR B 217 -1.89 6.46 3.30
N PRO B 218 -0.56 6.56 3.38
CA PRO B 218 0.22 5.55 4.08
C PRO B 218 -0.18 5.42 5.52
N GLN B 219 -0.69 6.49 6.12
CA GLN B 219 -1.08 6.45 7.53
C GLN B 219 -2.45 5.82 7.83
N GLY B 220 -3.11 5.26 6.82
CA GLY B 220 -4.31 4.48 7.04
C GLY B 220 -5.58 5.29 6.92
N THR B 221 -5.49 6.55 6.46
CA THR B 221 -6.66 7.39 6.30
C THR B 221 -7.04 7.48 4.84
N ILE B 222 -8.29 7.86 4.59
CA ILE B 222 -8.82 8.12 3.27
C ILE B 222 -9.10 9.63 3.16
N SER B 223 -8.26 10.31 2.39
CA SER B 223 -8.16 11.74 2.47
C SER B 223 -8.81 12.39 1.28
N ASN B 224 -9.45 13.50 1.55
CA ASN B 224 -9.88 14.38 0.51
C ASN B 224 -8.93 15.57 0.55
N PRO B 225 -7.87 15.57 -0.25
CA PRO B 225 -6.88 16.64 -0.12
C PRO B 225 -7.42 18.05 -0.34
N GLY B 226 -8.47 18.22 -1.14
CA GLY B 226 -8.98 19.54 -1.43
C GLY B 226 -9.65 20.14 -0.23
N TYR B 227 -10.36 19.32 0.52
CA TYR B 227 -10.98 19.78 1.74
C TYR B 227 -10.13 19.52 3.00
N GLU B 228 -8.82 19.26 2.84
CA GLU B 228 -7.94 18.92 3.97
C GLU B 228 -8.64 18.15 5.10
N ALA B 229 -9.25 17.06 4.73
CA ALA B 229 -10.08 16.28 5.64
C ALA B 229 -10.13 14.82 5.22
N VAL B 230 -10.64 14.01 6.12
CA VAL B 230 -10.61 12.60 5.94
C VAL B 230 -11.95 11.95 6.27
N MET B 231 -12.15 10.81 5.66
CA MET B 231 -13.35 10.03 5.84
C MET B 231 -13.34 9.43 7.26
N ASP B 232 -14.50 9.47 7.92
CA ASP B 232 -14.60 9.20 9.37
C ASP B 232 -15.93 8.59 9.74
N VAL B 233 -15.94 7.72 10.73
CA VAL B 233 -17.20 7.15 11.23
C VAL B 233 -17.85 8.14 12.23
N ALA B 234 -19.05 8.61 11.90
CA ALA B 234 -19.79 9.53 12.81
C ALA B 234 -19.77 9.05 14.27
N GLN B 235 -19.19 9.89 15.13
CA GLN B 235 -19.19 9.69 16.59
C GLN B 235 -18.50 8.38 17.00
N ASN B 236 -17.60 7.88 16.16
CA ASN B 236 -17.05 6.53 16.25
C ASN B 236 -18.06 5.46 16.54
N ASP B 237 -19.24 5.60 15.94
CA ASP B 237 -20.35 4.69 16.18
C ASP B 237 -20.81 4.09 14.88
N VAL B 238 -20.44 2.85 14.62
CA VAL B 238 -20.88 2.21 13.37
C VAL B 238 -22.40 2.09 13.20
N TYR B 239 -23.14 2.00 14.31
CA TYR B 239 -24.59 1.81 14.24
C TYR B 239 -25.37 3.09 13.89
N LEU B 240 -24.70 4.24 13.88
CA LEU B 240 -25.31 5.45 13.32
C LEU B 240 -25.49 5.44 11.81
N LYS B 241 -24.84 4.50 11.10
CA LYS B 241 -24.98 4.36 9.63
C LYS B 241 -24.64 5.65 8.91
N LYS B 242 -23.58 6.31 9.36
CA LYS B 242 -23.18 7.58 8.80
C LYS B 242 -21.67 7.72 8.76
N ILE B 243 -21.15 8.11 7.59
CA ILE B 243 -19.73 8.37 7.40
C ILE B 243 -19.61 9.81 7.00
N VAL B 244 -18.73 10.53 7.70
CA VAL B 244 -18.61 12.00 7.55
C VAL B 244 -17.20 12.40 7.20
N LEU B 245 -17.09 13.60 6.67
CA LEU B 245 -15.79 14.21 6.42
C LEU B 245 -15.36 15.00 7.67
N SER B 246 -14.17 14.71 8.21
CA SER B 246 -13.67 15.33 9.43
C SER B 246 -12.24 15.71 9.24
N SER B 247 -11.79 16.68 10.01
CA SER B 247 -10.35 16.91 10.16
C SER B 247 -9.66 15.73 10.79
N ALA B 248 -8.41 15.54 10.39
CA ALA B 248 -7.62 14.42 10.86
C ALA B 248 -7.29 14.57 12.34
N THR B 249 -7.73 13.61 13.15
CA THR B 249 -7.44 13.56 14.58
C THR B 249 -7.11 12.14 14.98
N ASP B 250 -6.48 11.99 16.15
CA ASP B 250 -6.22 10.67 16.72
C ASP B 250 -7.19 10.29 17.85
N LYS B 251 -8.33 10.96 17.96
CA LYS B 251 -9.18 10.76 19.13
C LYS B 251 -9.87 9.39 19.13
N GLY B 252 -10.34 8.91 17.99
CA GLY B 252 -10.87 7.54 17.92
C GLY B 252 -10.14 6.67 16.90
N ASN B 253 -10.82 5.64 16.45
CA ASN B 253 -10.33 4.79 15.39
C ASN B 253 -11.06 4.95 14.08
N GLY B 254 -12.06 5.81 14.07
CA GLY B 254 -12.97 5.91 12.95
C GLY B 254 -12.37 6.49 11.69
N GLN B 255 -11.19 7.11 11.77
CA GLN B 255 -10.49 7.60 10.59
C GLN B 255 -9.52 6.58 10.00
N GLN B 256 -9.50 5.33 10.50
CA GLN B 256 -8.58 4.28 10.02
C GLN B 256 -9.23 3.26 9.10
N TRP B 257 -8.59 3.04 7.97
CA TRP B 257 -9.15 2.21 6.91
C TRP B 257 -8.10 1.30 6.30
N THR B 258 -8.60 0.18 5.77
CA THR B 258 -7.81 -0.81 5.08
C THR B 258 -8.47 -1.20 3.75
N VAL B 259 -7.62 -1.43 2.78
CA VAL B 259 -7.99 -1.85 1.47
C VAL B 259 -7.79 -3.34 1.37
N PHE B 260 -8.84 -4.09 1.03
CA PHE B 260 -8.72 -5.54 0.82
C PHE B 260 -9.18 -5.94 -0.59
N TYR B 261 -8.30 -6.55 -1.38
CA TYR B 261 -8.40 -6.54 -2.86
C TYR B 261 -8.26 -7.93 -3.50
#